data_8CF0
#
_entry.id   8CF0
#
_cell.length_a   51.313
_cell.length_b   56.209
_cell.length_c   112.951
_cell.angle_alpha   90.000
_cell.angle_beta   90.000
_cell.angle_gamma   90.000
#
_symmetry.space_group_name_H-M   'P 21 21 21'
#
loop_
_entity.id
_entity.type
_entity.pdbx_description
1 polymer 'DNA cross-link repair 1A protein'
2 non-polymer 'DIMETHYL SULFOXIDE'
3 non-polymer 9-chloranyl-1,4-dihydropyrazino[2,3-c]quinoline-2,3-dione
4 non-polymer 'NICKEL (II) ION'
5 water water
#
_entity_poly.entity_id   1
_entity_poly.type   'polypeptide(L)'
_entity_poly.pdbx_seq_one_letter_code
;SMKKTCPFYKKIPGTGFTVDAFQYGVVEGCTAYFLTHFHSDHYAGLSKHFTFPVYCSEITGNLLKNKLHVQEQYIHPLPL
DTECIVNGVKVVLLDANHCPGAVMILFYLPNGTVILHTGDFRADPSMERSLLADQKVHMLYLDTTYCSPEYTFPSQQEVI
RFAINTAFEAVTLNPHALVVCGTYSIGKEKVFLAIADVLGSKVGMSQEKYKTLQCLNIPEINSLITTDMCSSLVHLLPMM
QINFKGLQSHLKKCGGKYNQILAFRPTGWTHSNKFTRIADVIPQTKGNISIYGIPYSEHSSYLEMKRFVQWLKPQKIIPT
VNVGTWKSRSTMEKYFREWKLEAGY
;
_entity_poly.pdbx_strand_id   A
#
loop_
_chem_comp.id
_chem_comp.type
_chem_comp.name
_chem_comp.formula
DMS non-polymer 'DIMETHYL SULFOXIDE' 'C2 H6 O S'
NI non-polymer 'NICKEL (II) ION' 'Ni 2'
UF3 non-polymer 9-chloranyl-1,4-dihydropyrazino[2,3-c]quinoline-2,3-dione 'C11 H6 Cl N3 O2'
#
# COMPACT_ATOMS: atom_id res chain seq x y z
N THR A 5 -15.89 4.58 19.07
CA THR A 5 -14.99 3.96 20.03
C THR A 5 -14.09 2.94 19.33
N CYS A 6 -12.91 2.71 19.90
CA CYS A 6 -11.91 1.87 19.25
C CYS A 6 -12.39 0.43 19.17
N PRO A 7 -12.37 -0.19 17.99
CA PRO A 7 -12.82 -1.58 17.86
C PRO A 7 -11.81 -2.56 18.42
N PHE A 8 -12.24 -3.81 18.53
CA PHE A 8 -11.43 -4.83 19.20
C PHE A 8 -10.25 -5.26 18.34
N TYR A 9 -10.44 -5.34 17.02
CA TYR A 9 -9.38 -5.83 16.14
C TYR A 9 -8.25 -4.82 15.96
N LYS A 10 -8.35 -3.64 16.57
CA LYS A 10 -7.26 -2.67 16.60
C LYS A 10 -6.57 -2.63 17.96
N LYS A 11 -6.97 -3.49 18.89
CA LYS A 11 -6.36 -3.58 20.22
C LYS A 11 -5.44 -4.78 20.29
N ILE A 12 -4.33 -4.62 21.00
CA ILE A 12 -3.38 -5.70 21.23
C ILE A 12 -3.56 -6.17 22.67
N PRO A 13 -4.18 -7.32 22.91
CA PRO A 13 -4.45 -7.75 24.28
C PRO A 13 -3.15 -8.00 25.05
N GLY A 14 -3.20 -7.73 26.36
CA GLY A 14 -2.04 -7.89 27.20
C GLY A 14 -1.03 -6.76 27.13
N THR A 15 -1.29 -5.72 26.36
CA THR A 15 -0.43 -4.54 26.26
C THR A 15 -1.28 -3.29 26.36
N GLY A 16 -0.61 -2.14 26.37
CA GLY A 16 -1.29 -0.87 26.27
C GLY A 16 -1.15 -0.29 24.88
N PHE A 17 -1.21 -1.16 23.87
CA PHE A 17 -0.93 -0.79 22.49
C PHE A 17 -2.21 -0.83 21.65
N THR A 18 -2.35 0.13 20.75
CA THR A 18 -3.34 0.09 19.70
C THR A 18 -2.63 0.17 18.35
N VAL A 19 -3.33 -0.27 17.31
CA VAL A 19 -2.78 -0.31 15.95
C VAL A 19 -3.74 0.41 15.02
N ASP A 20 -3.27 1.48 14.40
CA ASP A 20 -4.04 2.23 13.41
C ASP A 20 -5.36 2.72 14.00
N ALA A 21 -5.28 3.32 15.19
CA ALA A 21 -6.46 3.72 15.96
C ALA A 21 -6.29 5.16 16.43
N PHE A 22 -6.42 6.10 15.50
CA PHE A 22 -6.22 7.52 15.78
C PHE A 22 -7.49 8.34 15.61
N GLN A 23 -8.61 7.71 15.26
CA GLN A 23 -9.88 8.41 15.04
C GLN A 23 -10.90 8.12 16.13
N TYR A 24 -10.45 7.68 17.31
CA TYR A 24 -11.35 7.32 18.40
C TYR A 24 -11.08 8.16 19.65
N GLY A 25 -10.54 9.37 19.49
CA GLY A 25 -10.14 10.16 20.63
C GLY A 25 -9.03 9.49 21.42
N VAL A 26 -9.00 9.77 22.72
CA VAL A 26 -8.01 9.18 23.62
C VAL A 26 -8.49 7.77 23.97
N VAL A 27 -7.82 6.76 23.42
CA VAL A 27 -8.21 5.37 23.68
C VAL A 27 -7.88 5.01 25.12
N GLU A 28 -8.82 4.34 25.79
CA GLU A 28 -8.67 4.03 27.21
C GLU A 28 -7.56 3.01 27.43
N GLY A 29 -6.51 3.42 28.13
CA GLY A 29 -5.43 2.54 28.49
C GLY A 29 -4.31 2.43 27.49
N CYS A 30 -4.30 3.25 26.44
CA CYS A 30 -3.30 3.17 25.38
C CYS A 30 -2.11 4.05 25.74
N THR A 31 -0.96 3.43 25.98
CA THR A 31 0.26 4.15 26.26
C THR A 31 1.08 4.44 25.01
N ALA A 32 0.79 3.76 23.90
CA ALA A 32 1.54 3.96 22.66
C ALA A 32 0.66 3.56 21.49
N TYR A 33 0.60 4.42 20.48
CA TYR A 33 -0.19 4.19 19.29
C TYR A 33 0.74 3.80 18.14
N PHE A 34 0.54 2.60 17.59
CA PHE A 34 1.31 2.14 16.44
C PHE A 34 0.57 2.49 15.16
N LEU A 35 1.33 2.94 14.16
CA LEU A 35 0.79 3.25 12.84
C LEU A 35 1.52 2.39 11.82
N THR A 36 0.77 1.50 11.15
CA THR A 36 1.42 0.55 10.24
C THR A 36 1.89 1.24 8.96
N HIS A 37 1.12 2.18 8.43
CA HIS A 37 1.53 2.88 7.23
C HIS A 37 0.72 4.16 7.07
N PHE A 38 1.16 4.99 6.13
CA PHE A 38 0.59 6.32 5.91
C PHE A 38 -0.46 6.26 4.80
N HIS A 39 -1.58 5.62 5.14
CA HIS A 39 -2.78 5.63 4.30
C HIS A 39 -3.91 6.24 5.11
N SER A 40 -4.77 6.99 4.41
CA SER A 40 -5.76 7.85 5.08
C SER A 40 -6.63 7.07 6.06
N ASP A 41 -7.12 5.90 5.64
CA ASP A 41 -7.99 5.11 6.52
C ASP A 41 -7.31 4.73 7.82
N HIS A 42 -5.98 4.66 7.82
CA HIS A 42 -5.24 4.16 8.97
C HIS A 42 -4.67 5.26 9.86
N TYR A 43 -4.23 6.38 9.29
CA TYR A 43 -3.74 7.48 10.13
C TYR A 43 -4.83 8.48 10.48
N ALA A 44 -6.08 8.23 10.08
CA ALA A 44 -7.17 9.17 10.28
C ALA A 44 -7.26 9.61 11.74
N GLY A 45 -7.03 10.90 11.96
CA GLY A 45 -7.09 11.50 13.29
C GLY A 45 -5.80 12.15 13.73
N LEU A 46 -4.66 11.77 13.16
CA LEU A 46 -3.38 12.34 13.57
C LEU A 46 -3.23 13.77 13.05
N SER A 47 -2.57 14.60 13.86
CA SER A 47 -2.35 16.00 13.51
C SER A 47 -1.26 16.56 14.41
N LYS A 48 -0.97 17.85 14.23
CA LYS A 48 0.01 18.54 15.06
C LYS A 48 -0.39 18.60 16.54
N HIS A 49 -1.63 18.25 16.87
CA HIS A 49 -2.13 18.34 18.22
C HIS A 49 -2.07 17.01 18.96
N PHE A 50 -1.65 15.93 18.29
CA PHE A 50 -1.52 14.64 18.94
C PHE A 50 -0.38 14.68 19.95
N THR A 51 -0.67 14.25 21.19
CA THR A 51 0.27 14.37 22.29
C THR A 51 0.65 13.02 22.89
N PHE A 52 0.45 11.93 22.16
CA PHE A 52 0.82 10.60 22.61
C PHE A 52 1.95 10.03 21.74
N PRO A 53 2.71 9.07 22.25
CA PRO A 53 3.78 8.48 21.44
C PRO A 53 3.22 7.70 20.27
N VAL A 54 3.78 7.94 19.09
CA VAL A 54 3.45 7.20 17.88
C VAL A 54 4.66 6.39 17.46
N TYR A 55 4.47 5.10 17.28
CA TYR A 55 5.53 4.19 16.85
C TYR A 55 5.25 3.75 15.42
N CYS A 56 6.27 3.85 14.57
CA CYS A 56 6.10 3.60 13.14
C CYS A 56 7.47 3.40 12.52
N SER A 57 7.48 3.16 11.21
CA SER A 57 8.72 3.12 10.46
C SER A 57 9.29 4.53 10.30
N GLU A 58 10.54 4.59 9.85
CA GLU A 58 11.17 5.89 9.61
C GLU A 58 10.47 6.64 8.49
N ILE A 59 10.07 5.94 7.44
CA ILE A 59 9.39 6.59 6.31
C ILE A 59 8.04 7.13 6.75
N THR A 60 7.26 6.31 7.48
CA THR A 60 6.00 6.79 8.03
C THR A 60 6.23 7.97 8.96
N GLY A 61 7.33 7.96 9.70
CA GLY A 61 7.65 9.08 10.57
C GLY A 61 7.96 10.36 9.79
N ASN A 62 8.67 10.24 8.67
CA ASN A 62 8.91 11.40 7.82
C ASN A 62 7.60 12.00 7.34
N LEU A 63 6.61 11.15 7.04
CA LEU A 63 5.35 11.64 6.51
C LEU A 63 4.50 12.27 7.61
N LEU A 64 4.52 11.69 8.82
CA LEU A 64 3.78 12.28 9.93
C LEU A 64 4.28 13.68 10.25
N LYS A 65 5.61 13.87 10.21
CA LYS A 65 6.19 15.16 10.55
C LYS A 65 5.98 16.19 9.46
N ASN A 66 6.10 15.79 8.19
CA ASN A 66 6.06 16.77 7.11
C ASN A 66 4.66 16.97 6.54
N LYS A 67 3.85 15.92 6.44
CA LYS A 67 2.52 16.04 5.85
C LYS A 67 1.45 16.33 6.88
N LEU A 68 1.52 15.73 8.07
CA LEU A 68 0.56 15.97 9.14
C LEU A 68 1.08 16.89 10.22
N HIS A 69 2.38 17.21 10.20
N HIS A 69 2.37 17.23 10.20
CA HIS A 69 3.00 18.18 11.12
CA HIS A 69 2.99 18.18 11.12
C HIS A 69 2.94 17.70 12.57
C HIS A 69 2.95 17.70 12.57
N VAL A 70 3.02 16.39 12.77
CA VAL A 70 3.13 15.85 14.13
C VAL A 70 4.48 16.26 14.70
N GLN A 71 4.47 16.67 15.97
CA GLN A 71 5.70 17.13 16.61
C GLN A 71 6.67 15.97 16.77
N GLU A 72 7.97 16.28 16.59
CA GLU A 72 8.99 15.23 16.59
C GLU A 72 9.05 14.50 17.92
N GLN A 73 8.80 15.19 19.04
CA GLN A 73 8.91 14.55 20.34
C GLN A 73 7.91 13.41 20.52
N TYR A 74 6.90 13.33 19.67
CA TYR A 74 5.90 12.27 19.75
C TYR A 74 6.08 11.21 18.67
N ILE A 75 7.05 11.37 17.78
CA ILE A 75 7.30 10.41 16.70
C ILE A 75 8.44 9.51 17.14
N HIS A 76 8.18 8.20 17.20
CA HIS A 76 9.16 7.20 17.59
C HIS A 76 9.39 6.25 16.43
N PRO A 77 10.28 6.60 15.49
CA PRO A 77 10.58 5.67 14.40
C PRO A 77 11.38 4.49 14.90
N LEU A 78 11.06 3.30 14.36
CA LEU A 78 11.79 2.10 14.71
C LEU A 78 12.42 1.50 13.46
N PRO A 79 13.65 0.99 13.56
CA PRO A 79 14.25 0.29 12.42
C PRO A 79 13.49 -1.00 12.13
N LEU A 80 13.61 -1.45 10.89
CA LEU A 80 13.01 -2.71 10.48
C LEU A 80 13.89 -3.88 10.91
N ASP A 81 13.26 -5.04 11.09
CA ASP A 81 13.95 -6.29 11.35
C ASP A 81 14.84 -6.20 12.59
N THR A 82 14.43 -5.41 13.57
CA THR A 82 15.24 -5.14 14.75
C THR A 82 14.37 -5.27 15.99
N GLU A 83 14.77 -6.15 16.91
CA GLU A 83 14.04 -6.31 18.16
C GLU A 83 14.17 -5.05 18.99
N CYS A 84 13.05 -4.38 19.24
CA CYS A 84 13.01 -3.16 20.03
C CYS A 84 12.11 -3.37 21.24
N ILE A 85 12.39 -2.63 22.31
CA ILE A 85 11.59 -2.69 23.53
C ILE A 85 10.78 -1.40 23.62
N VAL A 86 9.46 -1.54 23.69
CA VAL A 86 8.54 -0.40 23.76
C VAL A 86 7.64 -0.60 24.96
N ASN A 87 7.76 0.30 25.95
CA ASN A 87 6.97 0.23 27.18
C ASN A 87 7.02 -1.18 27.80
N GLY A 88 8.20 -1.77 27.80
CA GLY A 88 8.41 -3.06 28.42
C GLY A 88 7.99 -4.26 27.59
N VAL A 89 7.70 -4.08 26.30
CA VAL A 89 7.27 -5.16 25.42
C VAL A 89 8.20 -5.20 24.22
N LYS A 90 8.67 -6.40 23.88
CA LYS A 90 9.49 -6.56 22.68
C LYS A 90 8.62 -6.50 21.44
N VAL A 91 9.01 -5.66 20.48
CA VAL A 91 8.30 -5.52 19.21
C VAL A 91 9.31 -5.53 18.08
N VAL A 92 8.86 -6.00 16.92
CA VAL A 92 9.65 -5.98 15.70
C VAL A 92 8.78 -5.46 14.56
N LEU A 93 9.34 -4.56 13.75
CA LEU A 93 8.69 -4.10 12.52
C LEU A 93 9.27 -4.87 11.34
N LEU A 94 8.39 -5.40 10.50
CA LEU A 94 8.77 -6.13 9.30
C LEU A 94 8.16 -5.45 8.08
N ASP A 95 8.88 -5.46 6.97
CA ASP A 95 8.35 -4.87 5.75
C ASP A 95 7.09 -5.61 5.32
N ALA A 96 6.03 -4.85 5.06
CA ALA A 96 4.74 -5.42 4.72
C ALA A 96 4.54 -5.58 3.22
N ASN A 97 5.49 -5.14 2.39
CA ASN A 97 5.35 -5.19 0.93
C ASN A 97 4.01 -4.58 0.50
N HIS A 98 3.75 -3.40 1.06
CA HIS A 98 2.53 -2.65 0.76
C HIS A 98 2.95 -1.36 0.05
N CYS A 99 2.82 -0.24 0.73
CA CYS A 99 3.31 1.05 0.23
C CYS A 99 4.59 1.41 0.97
N PRO A 100 5.30 2.46 0.55
CA PRO A 100 6.53 2.84 1.24
C PRO A 100 6.29 3.08 2.73
N GLY A 101 7.18 2.52 3.55
CA GLY A 101 7.10 2.66 4.99
C GLY A 101 6.08 1.76 5.66
N ALA A 102 5.34 0.94 4.91
CA ALA A 102 4.36 0.06 5.50
C ALA A 102 5.04 -1.11 6.21
N VAL A 103 4.58 -1.41 7.42
CA VAL A 103 5.17 -2.48 8.22
C VAL A 103 4.09 -3.40 8.76
N MET A 104 4.50 -4.63 9.03
CA MET A 104 3.81 -5.53 9.94
C MET A 104 4.49 -5.42 11.31
N ILE A 105 3.75 -5.71 12.38
CA ILE A 105 4.26 -5.55 13.73
C ILE A 105 4.17 -6.88 14.47
N LEU A 106 5.31 -7.36 14.96
CA LEU A 106 5.38 -8.51 15.84
C LEU A 106 5.36 -8.04 17.30
N PHE A 107 4.44 -8.58 18.09
CA PHE A 107 4.34 -8.25 19.51
C PHE A 107 4.69 -9.49 20.33
N TYR A 108 5.70 -9.36 21.18
CA TYR A 108 6.11 -10.43 22.10
C TYR A 108 5.52 -10.10 23.47
N LEU A 109 4.35 -10.67 23.76
CA LEU A 109 3.67 -10.36 25.00
C LEU A 109 4.44 -10.92 26.20
N PRO A 110 4.29 -10.30 27.38
CA PRO A 110 4.99 -10.82 28.56
C PRO A 110 4.63 -12.24 28.92
N ASN A 111 3.38 -12.66 28.66
CA ASN A 111 2.94 -14.00 29.03
C ASN A 111 3.40 -15.08 28.05
N GLY A 112 4.19 -14.72 27.04
CA GLY A 112 4.66 -15.68 26.05
C GLY A 112 3.88 -15.69 24.76
N THR A 113 2.71 -15.04 24.72
CA THR A 113 1.94 -14.97 23.49
C THR A 113 2.67 -14.10 22.47
N VAL A 114 2.64 -14.52 21.20
CA VAL A 114 3.24 -13.79 20.11
C VAL A 114 2.14 -13.41 19.13
N ILE A 115 2.08 -12.13 18.78
CA ILE A 115 1.04 -11.59 17.92
C ILE A 115 1.69 -10.93 16.71
N LEU A 116 1.22 -11.28 15.52
CA LEU A 116 1.63 -10.61 14.29
C LEU A 116 0.46 -9.83 13.73
N HIS A 117 0.63 -8.52 13.58
CA HIS A 117 -0.35 -7.66 12.94
C HIS A 117 0.21 -7.27 11.58
N THR A 118 -0.43 -7.75 10.50
CA THR A 118 0.12 -7.53 9.17
C THR A 118 -0.05 -6.10 8.68
N GLY A 119 -0.83 -5.28 9.38
CA GLY A 119 -1.28 -4.03 8.77
C GLY A 119 -1.90 -4.35 7.42
N ASP A 120 -1.68 -3.47 6.45
CA ASP A 120 -1.94 -3.80 5.06
C ASP A 120 -0.68 -4.45 4.49
N PHE A 121 -0.85 -5.56 3.79
CA PHE A 121 0.33 -6.21 3.21
C PHE A 121 -0.04 -6.96 1.95
N ARG A 122 0.95 -7.17 1.09
CA ARG A 122 0.87 -8.13 0.00
C ARG A 122 1.84 -9.25 0.33
N ALA A 123 1.29 -10.38 0.79
CA ALA A 123 2.11 -11.50 1.20
C ALA A 123 3.04 -11.95 0.08
N ASP A 124 4.23 -12.40 0.45
CA ASP A 124 5.24 -12.84 -0.49
C ASP A 124 6.08 -13.92 0.18
N PRO A 125 6.53 -14.93 -0.57
CA PRO A 125 7.37 -15.98 0.04
C PRO A 125 8.64 -15.46 0.69
N SER A 126 9.11 -14.26 0.32
CA SER A 126 10.30 -13.70 0.96
C SER A 126 10.06 -13.46 2.45
N MET A 127 8.80 -13.25 2.85
CA MET A 127 8.49 -13.08 4.26
C MET A 127 8.72 -14.35 5.07
N GLU A 128 8.73 -15.51 4.42
CA GLU A 128 9.02 -16.76 5.12
C GLU A 128 10.47 -16.84 5.57
N ARG A 129 11.31 -15.89 5.17
CA ARG A 129 12.70 -15.81 5.59
C ARG A 129 12.98 -14.52 6.35
N SER A 130 11.95 -13.95 6.95
CA SER A 130 12.10 -12.81 7.85
C SER A 130 12.35 -13.34 9.26
N LEU A 131 12.22 -12.47 10.26
CA LEU A 131 12.32 -12.92 11.64
C LEU A 131 11.16 -13.81 12.04
N LEU A 132 10.12 -13.92 11.20
CA LEU A 132 9.01 -14.83 11.46
C LEU A 132 9.43 -16.29 11.35
N ALA A 133 10.57 -16.57 10.72
CA ALA A 133 10.99 -17.95 10.50
C ALA A 133 11.16 -18.68 11.83
N ASP A 134 10.50 -19.82 11.94
CA ASP A 134 10.54 -20.66 13.14
C ASP A 134 10.07 -19.90 14.39
N GLN A 135 9.24 -18.89 14.19
CA GLN A 135 8.67 -18.11 15.27
C GLN A 135 7.21 -18.51 15.45
N LYS A 136 6.88 -19.02 16.64
CA LYS A 136 5.50 -19.37 16.93
C LYS A 136 4.66 -18.10 17.02
N VAL A 137 3.56 -18.06 16.27
CA VAL A 137 2.63 -16.94 16.30
C VAL A 137 1.29 -17.47 16.79
N HIS A 138 0.81 -16.91 17.88
CA HIS A 138 -0.45 -17.40 18.46
C HIS A 138 -1.66 -16.71 17.85
N MET A 139 -1.55 -15.42 17.54
CA MET A 139 -2.66 -14.67 16.95
C MET A 139 -2.17 -13.87 15.76
N LEU A 140 -2.94 -13.90 14.69
CA LEU A 140 -2.64 -13.18 13.45
C LEU A 140 -3.76 -12.20 13.17
N TYR A 141 -3.43 -10.90 13.16
CA TYR A 141 -4.36 -9.87 12.69
C TYR A 141 -4.07 -9.66 11.22
N LEU A 142 -4.96 -10.16 10.36
CA LEU A 142 -4.65 -10.42 8.96
C LEU A 142 -5.37 -9.42 8.07
N ASP A 143 -4.61 -8.79 7.16
CA ASP A 143 -5.19 -8.02 6.07
C ASP A 143 -5.93 -8.99 5.15
N THR A 144 -7.25 -9.00 5.24
CA THR A 144 -8.10 -9.91 4.48
C THR A 144 -8.80 -9.22 3.32
N THR A 145 -8.17 -8.19 2.74
CA THR A 145 -8.82 -7.38 1.72
C THR A 145 -9.36 -8.24 0.57
N TYR A 146 -8.55 -9.18 0.09
CA TYR A 146 -8.91 -10.01 -1.05
C TYR A 146 -9.02 -11.49 -0.66
N CYS A 147 -9.62 -11.75 0.50
CA CYS A 147 -9.71 -13.12 1.03
C CYS A 147 -10.89 -13.84 0.38
N SER A 148 -10.73 -14.13 -0.91
CA SER A 148 -11.71 -14.91 -1.65
C SER A 148 -11.04 -15.39 -2.92
N PRO A 149 -11.27 -16.65 -3.34
CA PRO A 149 -10.49 -17.21 -4.46
C PRO A 149 -10.71 -16.50 -5.78
N GLU A 150 -11.80 -15.76 -5.95
CA GLU A 150 -11.99 -15.04 -7.20
C GLU A 150 -11.05 -13.84 -7.32
N TYR A 151 -10.41 -13.42 -6.24
CA TYR A 151 -9.47 -12.31 -6.29
C TYR A 151 -8.13 -12.80 -6.79
N THR A 152 -7.95 -12.73 -8.10
CA THR A 152 -6.69 -13.04 -8.75
C THR A 152 -6.21 -11.82 -9.52
N PHE A 153 -4.90 -11.62 -9.56
CA PHE A 153 -4.30 -10.59 -10.37
C PHE A 153 -2.83 -10.93 -10.59
N PRO A 154 -2.17 -10.30 -11.56
CA PRO A 154 -0.78 -10.64 -11.84
C PRO A 154 0.15 -10.14 -10.76
N SER A 155 1.41 -10.55 -10.87
CA SER A 155 2.46 -9.99 -10.02
C SER A 155 2.71 -8.54 -10.42
N GLN A 156 3.30 -7.78 -9.50
CA GLN A 156 3.68 -6.41 -9.82
C GLN A 156 4.68 -6.36 -10.95
N GLN A 157 5.57 -7.36 -11.05
CA GLN A 157 6.54 -7.42 -12.14
C GLN A 157 5.85 -7.43 -13.50
N GLU A 158 4.88 -8.32 -13.67
CA GLU A 158 4.19 -8.44 -14.97
C GLU A 158 3.45 -7.16 -15.31
N VAL A 159 2.82 -6.53 -14.31
CA VAL A 159 2.08 -5.30 -14.56
C VAL A 159 3.01 -4.17 -14.98
N ILE A 160 4.16 -4.07 -14.32
CA ILE A 160 5.12 -3.03 -14.66
C ILE A 160 5.70 -3.28 -16.05
N ARG A 161 5.98 -4.55 -16.37
CA ARG A 161 6.44 -4.89 -17.71
C ARG A 161 5.42 -4.47 -18.77
N PHE A 162 4.13 -4.70 -18.49
CA PHE A 162 3.09 -4.25 -19.42
C PHE A 162 3.05 -2.73 -19.52
N ALA A 163 3.18 -2.04 -18.39
CA ALA A 163 3.13 -0.58 -18.41
C ALA A 163 4.33 0.00 -19.15
N ILE A 164 5.52 -0.56 -18.92
CA ILE A 164 6.73 -0.05 -19.57
C ILE A 164 6.63 -0.21 -21.08
N ASN A 165 6.32 -1.43 -21.53
CA ASN A 165 6.26 -1.70 -22.96
C ASN A 165 5.15 -0.89 -23.63
N THR A 166 4.01 -0.75 -22.97
CA THR A 166 2.90 0.02 -23.54
C THR A 166 3.29 1.49 -23.68
N ALA A 167 3.88 2.07 -22.64
CA ALA A 167 4.28 3.47 -22.69
C ALA A 167 5.41 3.68 -23.68
N PHE A 168 6.42 2.79 -23.69
CA PHE A 168 7.54 2.97 -24.59
C PHE A 168 7.12 2.87 -26.05
N GLU A 169 6.24 1.91 -26.36
CA GLU A 169 5.77 1.76 -27.74
C GLU A 169 5.00 3.00 -28.19
N ALA A 170 4.12 3.53 -27.33
CA ALA A 170 3.29 4.66 -27.72
C ALA A 170 4.12 5.91 -27.95
N VAL A 171 5.08 6.19 -27.07
CA VAL A 171 5.90 7.39 -27.21
C VAL A 171 6.93 7.24 -28.33
N THR A 172 7.39 6.02 -28.58
CA THR A 172 8.29 5.82 -29.72
C THR A 172 7.53 5.96 -31.03
N LEU A 173 6.29 5.46 -31.10
CA LEU A 173 5.47 5.68 -32.28
C LEU A 173 5.13 7.16 -32.46
N ASN A 174 4.76 7.83 -31.37
CA ASN A 174 4.41 9.25 -31.40
C ASN A 174 5.24 9.99 -30.36
N PRO A 175 6.35 10.63 -30.76
CA PRO A 175 7.17 11.38 -29.80
C PRO A 175 6.43 12.54 -29.14
N HIS A 176 5.25 12.91 -29.63
CA HIS A 176 4.48 14.01 -29.08
C HIS A 176 3.33 13.54 -28.19
N ALA A 177 3.36 12.28 -27.75
CA ALA A 177 2.38 11.78 -26.81
C ALA A 177 2.83 12.08 -25.38
N LEU A 178 1.85 12.28 -24.51
CA LEU A 178 2.07 12.49 -23.08
C LEU A 178 1.57 11.27 -22.32
N VAL A 179 2.34 10.84 -21.33
CA VAL A 179 1.93 9.75 -20.45
C VAL A 179 1.47 10.36 -19.13
N VAL A 180 0.28 9.96 -18.69
CA VAL A 180 -0.31 10.44 -17.44
C VAL A 180 -0.60 9.24 -16.56
N CYS A 181 -0.25 9.37 -15.28
N CYS A 181 -0.27 9.36 -15.28
CA CYS A 181 -0.53 8.32 -14.30
CA CYS A 181 -0.52 8.31 -14.31
C CYS A 181 -1.34 8.92 -13.16
C CYS A 181 -1.31 8.89 -13.14
N GLY A 182 -2.36 8.18 -12.73
CA GLY A 182 -3.20 8.63 -11.62
C GLY A 182 -2.67 8.14 -10.29
N THR A 183 -2.90 8.93 -9.25
CA THR A 183 -2.43 8.58 -7.91
C THR A 183 -3.49 8.93 -6.88
N TYR A 184 -3.73 7.97 -5.97
CA TYR A 184 -4.64 8.11 -4.84
C TYR A 184 -3.92 8.64 -3.60
N SER A 185 -2.72 8.12 -3.36
CA SER A 185 -2.01 8.23 -2.10
C SER A 185 -0.58 7.80 -2.32
N ILE A 186 0.15 7.43 -1.27
CA ILE A 186 1.43 6.79 -1.48
C ILE A 186 1.19 5.33 -1.87
N GLY A 187 2.22 4.72 -2.42
CA GLY A 187 2.08 3.38 -2.92
C GLY A 187 2.00 3.35 -4.44
N LYS A 188 2.43 2.23 -5.02
CA LYS A 188 2.38 2.01 -6.47
C LYS A 188 3.24 3.02 -7.22
N GLU A 189 4.25 3.60 -6.55
CA GLU A 189 5.14 4.54 -7.20
C GLU A 189 5.89 3.91 -8.36
N LYS A 190 6.12 2.60 -8.30
CA LYS A 190 6.88 1.92 -9.36
C LYS A 190 6.22 2.08 -10.72
N VAL A 191 4.90 2.27 -10.76
CA VAL A 191 4.21 2.44 -12.03
C VAL A 191 4.78 3.64 -12.79
N PHE A 192 4.72 4.83 -12.17
CA PHE A 192 5.18 6.01 -12.89
C PHE A 192 6.70 6.14 -12.89
N LEU A 193 7.39 5.57 -11.91
CA LEU A 193 8.85 5.61 -11.93
C LEU A 193 9.42 4.76 -13.05
N ALA A 194 8.87 3.56 -13.24
CA ALA A 194 9.38 2.68 -14.30
C ALA A 194 9.05 3.22 -15.69
N ILE A 195 7.90 3.88 -15.84
CA ILE A 195 7.55 4.46 -17.14
C ILE A 195 8.49 5.61 -17.47
N ALA A 196 8.72 6.51 -16.51
CA ALA A 196 9.62 7.63 -16.74
C ALA A 196 11.04 7.15 -17.03
N ASP A 197 11.46 6.06 -16.37
CA ASP A 197 12.83 5.58 -16.55
C ASP A 197 13.06 5.04 -17.95
N VAL A 198 12.08 4.34 -18.52
CA VAL A 198 12.25 3.82 -19.87
C VAL A 198 12.14 4.92 -20.91
N LEU A 199 11.45 6.02 -20.59
CA LEU A 199 11.25 7.12 -21.54
C LEU A 199 12.30 8.21 -21.41
N GLY A 200 13.23 8.08 -20.47
CA GLY A 200 14.24 9.11 -20.28
C GLY A 200 13.70 10.42 -19.77
N SER A 201 12.63 10.39 -18.98
CA SER A 201 11.97 11.58 -18.48
C SER A 201 11.88 11.54 -16.97
N LYS A 202 11.72 12.71 -16.37
CA LYS A 202 11.33 12.81 -14.97
C LYS A 202 9.81 12.84 -14.86
N VAL A 203 9.31 12.51 -13.68
CA VAL A 203 7.88 12.53 -13.42
C VAL A 203 7.50 13.91 -12.89
N GLY A 204 6.66 14.62 -13.63
CA GLY A 204 6.16 15.92 -13.20
C GLY A 204 4.90 15.77 -12.37
N MET A 205 4.79 16.58 -11.32
CA MET A 205 3.71 16.43 -10.35
C MET A 205 3.52 17.73 -9.59
N SER A 206 2.42 17.80 -8.85
CA SER A 206 2.14 18.94 -8.00
C SER A 206 3.18 19.05 -6.88
N GLN A 207 3.28 20.25 -6.30
CA GLN A 207 4.20 20.46 -5.19
C GLN A 207 3.83 19.58 -4.00
N GLU A 208 2.53 19.37 -3.77
CA GLU A 208 2.12 18.54 -2.65
C GLU A 208 2.54 17.09 -2.84
N LYS A 209 2.35 16.55 -4.05
CA LYS A 209 2.78 15.19 -4.32
C LYS A 209 4.31 15.08 -4.32
N TYR A 210 5.00 16.10 -4.83
CA TYR A 210 6.46 16.13 -4.76
C TYR A 210 6.93 16.06 -3.30
N LYS A 211 6.32 16.88 -2.44
CA LYS A 211 6.69 16.87 -1.03
C LYS A 211 6.50 15.49 -0.41
N THR A 212 5.39 14.83 -0.75
CA THR A 212 5.12 13.50 -0.23
C THR A 212 6.21 12.52 -0.63
N LEU A 213 6.61 12.54 -1.91
CA LEU A 213 7.63 11.60 -2.37
C LEU A 213 9.00 11.89 -1.76
N GLN A 214 9.28 13.16 -1.45
CA GLN A 214 10.56 13.50 -0.82
C GLN A 214 10.70 12.88 0.57
N CYS A 215 9.62 12.39 1.17
CA CYS A 215 9.65 11.78 2.48
C CYS A 215 9.91 10.27 2.44
N LEU A 216 10.02 9.68 1.26
CA LEU A 216 9.92 8.23 1.12
C LEU A 216 11.26 7.50 1.10
N ASN A 217 12.38 8.20 1.30
CA ASN A 217 13.71 7.59 1.32
C ASN A 217 14.00 6.76 0.07
N ILE A 218 13.34 7.03 -1.05
CA ILE A 218 13.64 6.33 -2.28
C ILE A 218 14.99 6.84 -2.78
N PRO A 219 15.97 5.98 -2.98
CA PRO A 219 17.27 6.44 -3.47
C PRO A 219 17.14 7.10 -4.85
N GLU A 220 17.68 8.31 -4.96
CA GLU A 220 17.73 9.06 -6.20
C GLU A 220 16.32 9.44 -6.69
N ILE A 221 15.54 10.05 -5.80
CA ILE A 221 14.25 10.61 -6.22
C ILE A 221 14.46 11.89 -7.01
N ASN A 222 15.41 12.72 -6.59
CA ASN A 222 15.76 13.92 -7.35
C ASN A 222 16.15 13.58 -8.78
N SER A 223 16.43 12.30 -9.06
CA SER A 223 16.74 11.85 -10.41
C SER A 223 15.49 11.67 -11.25
N LEU A 224 14.35 11.33 -10.64
CA LEU A 224 13.17 10.91 -11.39
C LEU A 224 11.93 11.79 -11.20
N ILE A 225 11.91 12.69 -10.22
CA ILE A 225 10.72 13.50 -9.98
C ILE A 225 11.07 14.97 -10.11
N THR A 226 10.04 15.77 -10.37
CA THR A 226 10.19 17.21 -10.56
C THR A 226 8.81 17.85 -10.49
N THR A 227 8.80 19.14 -10.16
CA THR A 227 7.58 19.95 -10.21
C THR A 227 7.49 20.75 -11.50
N ASP A 228 8.51 20.70 -12.34
CA ASP A 228 8.51 21.42 -13.62
C ASP A 228 7.76 20.56 -14.64
N MET A 229 6.46 20.83 -14.81
CA MET A 229 5.63 20.03 -15.70
C MET A 229 6.11 20.12 -17.15
N CYS A 230 6.64 21.28 -17.55
CA CYS A 230 7.05 21.47 -18.94
C CYS A 230 8.25 20.60 -19.31
N SER A 231 9.08 20.25 -18.35
CA SER A 231 10.27 19.44 -18.60
C SER A 231 9.99 17.95 -18.57
N SER A 232 8.74 17.54 -18.38
CA SER A 232 8.39 16.15 -18.15
C SER A 232 7.36 15.69 -19.18
N LEU A 233 7.53 14.46 -19.66
CA LEU A 233 6.53 13.82 -20.51
C LEU A 233 5.80 12.69 -19.79
N VAL A 234 5.99 12.57 -18.48
CA VAL A 234 5.20 11.68 -17.63
C VAL A 234 4.67 12.52 -16.49
N HIS A 235 3.35 12.73 -16.46
CA HIS A 235 2.71 13.59 -15.47
C HIS A 235 1.89 12.76 -14.49
N LEU A 236 1.91 13.17 -13.22
CA LEU A 236 1.06 12.60 -12.20
C LEU A 236 -0.16 13.49 -11.99
N LEU A 237 -1.34 12.89 -11.96
CA LEU A 237 -2.58 13.59 -11.69
C LEU A 237 -3.35 12.84 -10.63
N PRO A 238 -4.24 13.52 -9.90
CA PRO A 238 -5.15 12.81 -9.01
C PRO A 238 -5.95 11.77 -9.78
N MET A 239 -6.25 10.66 -9.09
CA MET A 239 -6.92 9.54 -9.75
C MET A 239 -8.28 9.94 -10.31
N MET A 240 -8.95 10.89 -9.67
CA MET A 240 -10.27 11.31 -10.14
C MET A 240 -10.20 12.05 -11.47
N GLN A 241 -9.06 12.62 -11.81
CA GLN A 241 -8.92 13.33 -13.08
C GLN A 241 -8.58 12.39 -14.24
N ILE A 242 -8.31 11.11 -13.97
CA ILE A 242 -7.99 10.19 -15.04
C ILE A 242 -9.29 9.71 -15.68
N ASN A 243 -9.95 10.62 -16.38
CA ASN A 243 -11.10 10.33 -17.22
C ASN A 243 -10.97 11.18 -18.47
N PHE A 244 -11.85 10.93 -19.45
CA PHE A 244 -11.72 11.63 -20.72
C PHE A 244 -11.85 13.15 -20.55
N LYS A 245 -12.82 13.59 -19.76
CA LYS A 245 -12.99 15.02 -19.53
C LYS A 245 -11.78 15.61 -18.81
N GLY A 246 -11.34 14.95 -17.72
CA GLY A 246 -10.21 15.45 -16.96
C GLY A 246 -8.91 15.46 -17.75
N LEU A 247 -8.71 14.46 -18.61
CA LEU A 247 -7.48 14.39 -19.40
C LEU A 247 -7.51 15.35 -20.58
N GLN A 248 -8.68 15.55 -21.20
CA GLN A 248 -8.79 16.58 -22.23
C GLN A 248 -8.45 17.95 -21.66
N SER A 249 -8.94 18.24 -20.46
CA SER A 249 -8.65 19.53 -19.83
C SER A 249 -7.17 19.68 -19.54
N HIS A 250 -6.52 18.59 -19.10
CA HIS A 250 -5.10 18.67 -18.82
C HIS A 250 -4.28 18.87 -20.09
N LEU A 251 -4.68 18.23 -21.19
CA LEU A 251 -3.92 18.34 -22.43
C LEU A 251 -3.98 19.75 -23.00
N LYS A 252 -5.12 20.44 -22.85
CA LYS A 252 -5.21 21.83 -23.29
C LYS A 252 -4.23 22.73 -22.54
N LYS A 253 -3.84 22.35 -21.32
CA LYS A 253 -2.95 23.16 -20.50
C LYS A 253 -1.48 22.95 -20.80
N CYS A 254 -1.13 21.97 -21.63
CA CYS A 254 0.26 21.68 -21.95
C CYS A 254 0.81 22.55 -23.08
N GLY A 255 0.08 23.59 -23.47
CA GLY A 255 0.61 24.56 -24.42
C GLY A 255 0.91 23.99 -25.80
N GLY A 256 0.09 23.06 -26.26
CA GLY A 256 0.29 22.48 -27.58
C GLY A 256 1.56 21.66 -27.72
N LYS A 257 2.13 21.18 -26.61
CA LYS A 257 3.32 20.35 -26.67
C LYS A 257 3.00 18.90 -26.99
N TYR A 258 1.76 18.46 -26.73
CA TYR A 258 1.37 17.08 -26.95
C TYR A 258 0.07 17.02 -27.74
N ASN A 259 -0.07 15.96 -28.54
CA ASN A 259 -1.29 15.71 -29.30
C ASN A 259 -1.92 14.37 -28.97
N GLN A 260 -1.47 13.70 -27.91
CA GLN A 260 -2.01 12.41 -27.51
C GLN A 260 -1.70 12.19 -26.04
N ILE A 261 -2.64 11.57 -25.33
CA ILE A 261 -2.46 11.21 -23.93
C ILE A 261 -2.63 9.71 -23.79
N LEU A 262 -1.63 9.07 -23.21
CA LEU A 262 -1.70 7.69 -22.74
C LEU A 262 -1.76 7.74 -21.23
N ALA A 263 -2.85 7.23 -20.65
CA ALA A 263 -3.08 7.34 -19.22
C ALA A 263 -3.23 5.97 -18.59
N PHE A 264 -2.64 5.82 -17.41
CA PHE A 264 -2.73 4.59 -16.63
C PHE A 264 -3.49 4.86 -15.33
N ARG A 265 -4.49 4.04 -15.07
CA ARG A 265 -5.19 4.04 -13.78
C ARG A 265 -4.71 2.84 -12.98
N PRO A 266 -3.75 2.99 -12.07
CA PRO A 266 -3.41 1.88 -11.17
C PRO A 266 -4.57 1.61 -10.23
N THR A 267 -5.17 0.44 -10.36
CA THR A 267 -6.28 0.02 -9.53
C THR A 267 -5.86 -1.19 -8.70
N GLY A 268 -6.77 -1.63 -7.84
CA GLY A 268 -6.66 -2.94 -7.22
C GLY A 268 -7.19 -4.00 -8.16
N TRP A 269 -7.77 -5.04 -7.58
CA TRP A 269 -8.50 -6.02 -8.38
C TRP A 269 -9.72 -5.36 -9.00
N THR A 270 -10.00 -5.74 -10.25
CA THR A 270 -11.26 -5.41 -10.90
C THR A 270 -11.84 -6.68 -11.50
N HIS A 271 -13.15 -6.64 -11.77
CA HIS A 271 -13.82 -7.82 -12.33
C HIS A 271 -13.21 -8.26 -13.65
N SER A 272 -12.52 -7.36 -14.35
CA SER A 272 -11.89 -7.72 -15.62
C SER A 272 -10.84 -8.81 -15.44
N ASN A 273 -10.24 -8.91 -14.27
CA ASN A 273 -9.18 -9.89 -14.04
C ASN A 273 -9.69 -11.32 -14.07
N LYS A 274 -11.00 -11.53 -14.02
CA LYS A 274 -11.54 -12.89 -14.12
C LYS A 274 -11.44 -13.45 -15.54
N PHE A 275 -11.36 -12.59 -16.56
CA PHE A 275 -11.36 -13.05 -17.94
C PHE A 275 -10.15 -12.61 -18.75
N THR A 276 -9.42 -11.58 -18.32
CA THR A 276 -8.41 -10.93 -19.15
C THR A 276 -7.05 -10.97 -18.48
N ARG A 277 -6.10 -11.65 -19.10
CA ARG A 277 -4.72 -11.64 -18.63
C ARG A 277 -4.10 -10.26 -18.88
N ILE A 278 -3.00 -10.00 -18.17
CA ILE A 278 -2.37 -8.68 -18.25
C ILE A 278 -1.89 -8.39 -19.67
N ALA A 279 -1.42 -9.41 -20.38
CA ALA A 279 -0.89 -9.20 -21.72
C ALA A 279 -1.98 -8.77 -22.71
N ASP A 280 -3.23 -9.14 -22.44
CA ASP A 280 -4.34 -8.85 -23.35
C ASP A 280 -5.16 -7.65 -22.92
N VAL A 281 -4.70 -6.91 -21.90
CA VAL A 281 -5.43 -5.73 -21.45
C VAL A 281 -5.42 -4.65 -22.53
N ILE A 282 -6.58 -4.05 -22.77
CA ILE A 282 -6.75 -3.03 -23.80
C ILE A 282 -7.34 -1.78 -23.16
N PRO A 283 -7.12 -0.60 -23.73
CA PRO A 283 -7.57 0.64 -23.09
C PRO A 283 -8.98 1.08 -23.51
N GLN A 284 -9.53 1.99 -22.72
CA GLN A 284 -10.65 2.81 -23.15
C GLN A 284 -10.13 4.00 -23.94
N THR A 285 -10.64 4.20 -25.15
CA THR A 285 -10.13 5.23 -26.03
C THR A 285 -11.25 6.16 -26.47
N LYS A 286 -10.97 7.46 -26.46
CA LYS A 286 -11.86 8.48 -27.02
C LYS A 286 -10.99 9.50 -27.73
N GLY A 287 -10.94 9.43 -29.06
CA GLY A 287 -10.11 10.35 -29.81
C GLY A 287 -8.64 10.07 -29.56
N ASN A 288 -7.90 11.12 -29.20
CA ASN A 288 -6.47 11.03 -28.97
C ASN A 288 -6.13 10.72 -27.52
N ILE A 289 -7.07 10.16 -26.76
CA ILE A 289 -6.84 9.82 -25.36
C ILE A 289 -7.18 8.35 -25.15
N SER A 290 -6.26 7.61 -24.55
CA SER A 290 -6.47 6.23 -24.15
C SER A 290 -6.20 6.08 -22.67
N ILE A 291 -6.99 5.26 -22.00
CA ILE A 291 -6.88 5.06 -20.56
C ILE A 291 -6.76 3.56 -20.28
N TYR A 292 -5.66 3.18 -19.64
CA TYR A 292 -5.42 1.79 -19.24
C TYR A 292 -5.71 1.64 -17.74
N GLY A 293 -6.54 0.67 -17.41
CA GLY A 293 -6.68 0.21 -16.05
C GLY A 293 -5.81 -1.01 -15.87
N ILE A 294 -4.82 -0.90 -14.99
CA ILE A 294 -3.81 -1.94 -14.78
C ILE A 294 -3.95 -2.44 -13.35
N PRO A 295 -4.08 -3.75 -13.13
CA PRO A 295 -4.31 -4.32 -11.78
C PRO A 295 -3.04 -4.41 -10.95
N TYR A 296 -2.50 -3.25 -10.58
CA TYR A 296 -1.32 -3.18 -9.72
C TYR A 296 -1.80 -3.19 -8.27
N SER A 297 -1.68 -4.33 -7.60
CA SER A 297 -2.19 -4.49 -6.25
C SER A 297 -1.05 -4.44 -5.24
N GLU A 298 -1.29 -3.72 -4.14
CA GLU A 298 -0.41 -3.77 -2.98
C GLU A 298 -1.09 -4.50 -1.81
N HIS A 299 -2.05 -5.37 -2.12
CA HIS A 299 -2.66 -6.30 -1.17
C HIS A 299 -2.46 -7.73 -1.68
N SER A 300 -2.40 -8.68 -0.76
CA SER A 300 -2.25 -10.08 -1.14
C SER A 300 -3.38 -10.51 -2.06
N SER A 301 -3.04 -11.29 -3.09
CA SER A 301 -4.05 -12.09 -3.75
C SER A 301 -4.55 -13.17 -2.78
N TYR A 302 -5.64 -13.85 -3.16
CA TYR A 302 -6.11 -14.95 -2.33
C TYR A 302 -5.03 -16.00 -2.15
N LEU A 303 -4.36 -16.37 -3.24
CA LEU A 303 -3.37 -17.44 -3.18
C LEU A 303 -2.15 -17.02 -2.37
N GLU A 304 -1.70 -15.78 -2.54
CA GLU A 304 -0.58 -15.27 -1.74
C GLU A 304 -0.93 -15.24 -0.25
N MET A 305 -2.15 -14.83 0.07
CA MET A 305 -2.60 -14.79 1.46
C MET A 305 -2.68 -16.20 2.05
N LYS A 306 -3.28 -17.13 1.29
CA LYS A 306 -3.39 -18.51 1.75
C LYS A 306 -2.02 -19.14 1.99
N ARG A 307 -1.07 -18.92 1.06
CA ARG A 307 0.25 -19.51 1.24
C ARG A 307 0.94 -18.98 2.48
N PHE A 308 0.85 -17.66 2.72
CA PHE A 308 1.48 -17.06 3.88
C PHE A 308 0.91 -17.61 5.17
N VAL A 309 -0.42 -17.68 5.27
CA VAL A 309 -1.07 -18.14 6.49
C VAL A 309 -0.78 -19.62 6.72
N GLN A 310 -0.82 -20.43 5.66
CA GLN A 310 -0.53 -21.86 5.81
C GLN A 310 0.91 -22.09 6.22
N TRP A 311 1.83 -21.21 5.83
CA TRP A 311 3.21 -21.32 6.30
C TRP A 311 3.32 -20.89 7.76
N LEU A 312 2.70 -19.77 8.10
CA LEU A 312 2.82 -19.23 9.45
C LEU A 312 2.15 -20.13 10.48
N LYS A 313 1.06 -20.79 10.10
CA LYS A 313 0.29 -21.65 10.99
C LYS A 313 -0.10 -20.96 12.30
N PRO A 314 -0.83 -19.85 12.24
CA PRO A 314 -1.26 -19.19 13.48
C PRO A 314 -2.33 -20.02 14.18
N GLN A 315 -2.38 -19.88 15.50
CA GLN A 315 -3.42 -20.57 16.25
C GLN A 315 -4.77 -19.87 16.15
N LYS A 316 -4.76 -18.56 15.92
CA LYS A 316 -5.99 -17.81 15.77
C LYS A 316 -5.78 -16.70 14.75
N ILE A 317 -6.78 -16.46 13.92
CA ILE A 317 -6.76 -15.41 12.91
C ILE A 317 -7.85 -14.41 13.21
N ILE A 318 -7.50 -13.13 13.22
CA ILE A 318 -8.47 -12.06 13.40
C ILE A 318 -8.45 -11.17 12.17
N PRO A 319 -9.46 -11.24 11.30
CA PRO A 319 -9.46 -10.38 10.11
C PRO A 319 -9.60 -8.91 10.48
N THR A 320 -8.93 -8.07 9.69
CA THR A 320 -9.00 -6.63 9.89
C THR A 320 -9.65 -5.89 8.73
N VAL A 321 -10.05 -6.60 7.68
CA VAL A 321 -10.73 -6.03 6.53
C VAL A 321 -11.94 -6.90 6.21
N ASN A 322 -12.99 -6.26 5.67
CA ASN A 322 -14.24 -6.94 5.34
C ASN A 322 -14.92 -7.51 6.58
N VAL A 323 -14.80 -6.78 7.70
CA VAL A 323 -15.33 -7.27 8.97
C VAL A 323 -16.76 -6.79 9.23
N GLY A 324 -17.36 -6.06 8.30
CA GLY A 324 -18.62 -5.39 8.55
C GLY A 324 -19.88 -6.18 8.23
N THR A 325 -19.81 -7.28 7.48
CA THR A 325 -20.98 -8.05 7.14
C THR A 325 -20.84 -9.49 7.59
N TRP A 326 -21.96 -10.10 7.97
CA TRP A 326 -21.93 -11.50 8.40
C TRP A 326 -21.51 -12.42 7.27
N LYS A 327 -21.92 -12.11 6.04
CA LYS A 327 -21.53 -12.93 4.90
C LYS A 327 -20.02 -12.95 4.72
N SER A 328 -19.39 -11.77 4.79
CA SER A 328 -17.94 -11.70 4.65
C SER A 328 -17.24 -12.42 5.79
N ARG A 329 -17.69 -12.19 7.02
CA ARG A 329 -17.10 -12.86 8.17
C ARG A 329 -17.23 -14.37 8.05
N SER A 330 -18.43 -14.84 7.69
CA SER A 330 -18.65 -16.28 7.55
C SER A 330 -17.81 -16.85 6.41
N THR A 331 -17.72 -16.12 5.29
CA THR A 331 -16.90 -16.57 4.17
C THR A 331 -15.43 -16.68 4.56
N MET A 332 -14.92 -15.68 5.29
CA MET A 332 -13.51 -15.68 5.65
C MET A 332 -13.20 -16.79 6.67
N GLU A 333 -14.09 -17.01 7.62
N GLU A 333 -14.08 -17.00 7.64
CA GLU A 333 -13.87 -18.06 8.62
CA GLU A 333 -13.86 -18.06 8.60
C GLU A 333 -13.93 -19.45 7.98
C GLU A 333 -13.87 -19.44 7.94
N LYS A 334 -14.67 -19.60 6.89
CA LYS A 334 -14.69 -20.88 6.18
C LYS A 334 -13.35 -21.15 5.51
N TYR A 335 -12.76 -20.13 4.87
CA TYR A 335 -11.47 -20.32 4.22
C TYR A 335 -10.37 -20.56 5.25
N PHE A 336 -10.43 -19.86 6.38
CA PHE A 336 -9.44 -20.10 7.43
C PHE A 336 -9.46 -21.56 7.88
N ARG A 337 -10.64 -22.13 8.08
CA ARG A 337 -10.73 -23.53 8.47
C ARG A 337 -10.26 -24.46 7.36
N GLU A 338 -10.56 -24.11 6.10
N GLU A 338 -10.55 -24.11 6.10
CA GLU A 338 -10.07 -24.91 4.98
CA GLU A 338 -10.08 -24.90 4.98
C GLU A 338 -8.55 -24.92 4.95
C GLU A 338 -8.55 -24.91 4.91
N TRP A 339 -7.92 -23.74 5.08
CA TRP A 339 -6.46 -23.67 5.07
C TRP A 339 -5.87 -24.48 6.21
N LYS A 340 -6.47 -24.40 7.40
CA LYS A 340 -5.97 -25.13 8.55
C LYS A 340 -6.10 -26.64 8.36
N LEU A 341 -7.25 -27.09 7.83
CA LEU A 341 -7.44 -28.52 7.60
C LEU A 341 -6.51 -29.05 6.53
N GLU A 342 -6.32 -28.29 5.44
CA GLU A 342 -5.44 -28.76 4.38
C GLU A 342 -3.98 -28.79 4.83
N ALA A 343 -3.54 -27.75 5.55
CA ALA A 343 -2.15 -27.69 5.98
C ALA A 343 -1.87 -28.53 7.21
N GLY A 344 -2.87 -28.78 8.05
CA GLY A 344 -2.74 -29.69 9.16
C GLY A 344 -2.42 -29.08 10.51
N TYR A 345 -2.45 -27.75 10.64
CA TYR A 345 -2.17 -27.12 11.92
C TYR A 345 -3.46 -26.89 12.71
S DMS B . 9.57 2.02 -5.50
O DMS B . 10.78 2.49 -6.24
C1 DMS B . 9.58 0.20 -5.41
C2 DMS B . 9.76 2.41 -3.73
C1 UF3 C . -10.87 -0.76 -1.89
C10 UF3 C . -5.74 1.34 2.46
C11 UF3 C . -5.43 0.27 1.43
C2 UF3 C . -11.08 0.19 -0.93
C3 UF3 C . -10.03 0.58 -0.08
C4 UF3 C . -8.74 -0.01 -0.22
C5 UF3 C . -8.56 -0.98 -1.22
C6 UF3 C . -9.61 -1.35 -2.02
C7 UF3 C . -7.70 0.41 0.67
C8 UF3 C . -7.99 1.39 1.63
C9 UF3 C . -9.29 1.93 1.68
N1 UF3 C . -10.28 1.55 0.89
N2 UF3 C . -6.99 1.83 2.50
N3 UF3 C . -6.43 -0.11 0.59
O1 UF3 C . -4.31 -0.21 1.34
O2 UF3 C . -4.86 1.70 3.24
CL1 UF3 C . -9.37 -2.55 -3.25
NI NI D . -3.14 0.63 2.92
#